data_3K7Y
#
_entry.id   3K7Y
#
_cell.length_a   100.838
_cell.length_b   100.838
_cell.length_c   240.367
_cell.angle_alpha   90.00
_cell.angle_beta   90.00
_cell.angle_gamma   120.00
#
_symmetry.space_group_name_H-M   'H 3 2'
#
loop_
_entity.id
_entity.type
_entity.pdbx_description
1 polymer 'Aspartate aminotransferase'
2 non-polymer "PYRIDOXAL-5'-PHOSPHATE"
3 non-polymer 'ACETATE ION'
4 water water
#
_entity_poly.entity_id   1
_entity_poly.type   'polypeptide(L)'
_entity_poly.pdbx_seq_one_letter_code
;MDKLLSSLENIEVDNILKTAREFKEDTCEEKINLSIGVCCNDDGDLHIFDSVLNADKLVTENYKEKPYLLGNGTEDFSTL
TQNLIFGNNSKYIEDKKICTIQCIGGTGAIFVLLEFLKMLNVETLYVTNPPYINHVNMIESRGFNLKYINFFDYNLIDIN
YDLFLNDLRNIPNGSSVILQISCYNPCSVNIEEKYFDEIIEIVLHKKHVIIFDIAYQGFGHTNLEEDVLLIRKFEEKNIA
FSVCQSFSKNMSLYGERAGALHIVCKNQEEKKIVFNNLCFIVRKFYSSPVIHTNRILCQLLNNQNLKLNWIKELSQLSQR
ITNNRILFFNKLETYQKKYNLNYDWNVYKKQRGLFSFVPLLAKIAEHLKTHHIYIINNGRINVSGITKNNVDYIADKICL
SLSQI
;
_entity_poly.pdbx_strand_id   A
#
loop_
_chem_comp.id
_chem_comp.type
_chem_comp.name
_chem_comp.formula
ACT non-polymer 'ACETATE ION' 'C2 H3 O2 -1'
PLP non-polymer PYRIDOXAL-5'-PHOSPHATE 'C8 H10 N O6 P'
#
# COMPACT_ATOMS: atom_id res chain seq x y z
N MET A 1 2.81 -26.26 35.38
CA MET A 1 3.86 -26.52 34.37
C MET A 1 3.24 -26.54 32.96
N ASP A 2 3.56 -25.51 32.15
CA ASP A 2 3.13 -25.41 30.74
C ASP A 2 3.61 -26.64 29.95
N LYS A 3 2.66 -27.40 29.43
CA LYS A 3 2.95 -28.54 28.58
C LYS A 3 2.42 -28.26 27.18
N LEU A 4 1.43 -27.37 27.09
CA LEU A 4 0.75 -27.02 25.82
C LEU A 4 1.71 -26.97 24.65
N LEU A 5 2.92 -26.47 24.91
CA LEU A 5 3.98 -26.30 23.93
C LEU A 5 4.51 -27.63 23.36
N SER A 6 3.85 -28.73 23.72
CA SER A 6 4.18 -30.04 23.19
C SER A 6 3.79 -30.18 21.72
N SER A 7 2.59 -29.76 21.35
CA SER A 7 2.17 -29.82 19.94
C SER A 7 2.72 -28.64 19.09
N LEU A 8 3.69 -27.91 19.62
CA LEU A 8 4.14 -26.68 18.98
C LEU A 8 5.21 -26.84 17.91
N GLU A 9 4.76 -26.71 16.66
CA GLU A 9 5.62 -26.70 15.48
C GLU A 9 6.03 -25.29 15.14
N ASN A 10 7.07 -25.16 14.32
CA ASN A 10 7.45 -23.87 13.77
C ASN A 10 6.82 -23.67 12.39
N ILE A 11 6.67 -22.41 11.97
CA ILE A 11 5.93 -22.08 10.74
C ILE A 11 6.73 -21.42 9.64
N GLU A 12 6.42 -21.80 8.41
CA GLU A 12 6.87 -21.08 7.24
C GLU A 12 6.16 -19.72 7.16
N VAL A 13 6.94 -18.64 7.20
CA VAL A 13 6.40 -17.28 7.04
C VAL A 13 6.27 -16.82 5.57
N ASP A 14 5.72 -15.63 5.38
CA ASP A 14 5.56 -15.03 4.05
C ASP A 14 6.90 -14.82 3.36
N ASN A 15 6.90 -14.89 2.02
CA ASN A 15 8.08 -14.65 1.20
C ASN A 15 8.92 -13.47 1.72
N ILE A 16 8.21 -12.45 2.18
CA ILE A 16 8.74 -11.15 2.64
C ILE A 16 9.69 -11.24 3.86
N LEU A 17 9.60 -12.34 4.62
CA LEU A 17 10.44 -12.53 5.82
C LEU A 17 11.58 -13.55 5.70
N LYS A 18 11.37 -14.67 4.99
CA LYS A 18 12.46 -15.60 4.72
C LYS A 18 13.65 -14.82 4.17
N THR A 19 13.34 -13.73 3.48
CA THR A 19 14.31 -12.87 2.83
C THR A 19 14.87 -11.85 3.81
N ALA A 20 14.00 -11.26 4.65
CA ALA A 20 14.43 -10.31 5.69
C ALA A 20 15.47 -10.95 6.60
N ARG A 21 15.23 -12.21 6.95
CA ARG A 21 16.23 -13.05 7.60
C ARG A 21 17.51 -12.93 6.79
N GLU A 22 17.44 -13.42 5.54
CA GLU A 22 18.61 -13.51 4.68
C GLU A 22 19.45 -12.22 4.52
N PHE A 23 18.80 -11.06 4.39
CA PHE A 23 19.57 -9.84 4.21
C PHE A 23 20.57 -9.66 5.36
N LYS A 24 20.09 -9.75 6.59
CA LYS A 24 20.94 -9.53 7.76
C LYS A 24 21.46 -10.83 8.40
N GLU A 25 21.82 -11.82 7.57
CA GLU A 25 22.30 -13.12 8.07
C GLU A 25 23.65 -13.55 7.45
N ASP A 26 24.25 -12.70 6.62
CA ASP A 26 25.56 -13.02 6.06
C ASP A 26 26.64 -11.98 6.37
N THR A 27 27.90 -12.40 6.21
CA THR A 27 29.08 -11.59 6.55
C THR A 27 29.37 -10.42 5.60
N CYS A 28 29.16 -10.62 4.30
CA CYS A 28 29.50 -9.62 3.26
C CYS A 28 28.91 -8.21 3.50
N GLU A 29 29.77 -7.19 3.46
CA GLU A 29 29.35 -5.80 3.33
C GLU A 29 29.16 -5.60 1.81
N GLU A 30 28.58 -4.47 1.40
CA GLU A 30 28.14 -4.32 0.00
C GLU A 30 26.97 -5.27 -0.29
N LYS A 31 26.33 -5.74 0.78
CA LYS A 31 25.06 -6.43 0.65
C LYS A 31 24.03 -5.41 0.16
N ILE A 32 23.13 -5.86 -0.70
CA ILE A 32 22.10 -4.99 -1.26
C ILE A 32 20.67 -5.43 -0.92
N ASN A 33 19.90 -4.43 -0.50
CA ASN A 33 18.58 -4.55 0.11
C ASN A 33 17.46 -4.16 -0.83
N LEU A 34 16.91 -5.10 -1.57
CA LEU A 34 15.87 -4.75 -2.55
C LEU A 34 14.53 -5.46 -2.35
N SER A 35 14.21 -5.77 -1.10
CA SER A 35 13.03 -6.58 -0.78
C SER A 35 12.15 -5.87 0.25
N ILE A 36 12.82 -5.17 1.16
CA ILE A 36 12.22 -4.37 2.23
C ILE A 36 11.08 -3.47 1.73
N GLY A 37 9.97 -3.48 2.47
CA GLY A 37 8.82 -2.63 2.15
C GLY A 37 9.13 -1.14 2.27
N VAL A 38 10.19 -0.82 3.00
CA VAL A 38 10.56 0.57 3.31
C VAL A 38 11.19 1.29 2.14
N CYS A 39 11.24 2.61 2.24
CA CYS A 39 11.85 3.44 1.22
C CYS A 39 13.20 4.00 1.72
N CYS A 40 14.26 3.78 0.94
CA CYS A 40 15.64 4.16 1.35
C CYS A 40 16.08 5.55 0.92
N ASN A 41 16.91 6.17 1.74
CA ASN A 41 17.49 7.49 1.48
C ASN A 41 18.60 7.42 0.42
N ASP A 42 19.31 8.53 0.20
CA ASP A 42 20.48 8.57 -0.70
C ASP A 42 21.58 7.66 -0.16
N ASP A 43 21.71 7.62 1.16
CA ASP A 43 22.73 6.82 1.86
C ASP A 43 22.28 5.39 2.12
N GLY A 44 21.22 4.96 1.45
CA GLY A 44 20.72 3.59 1.57
C GLY A 44 20.22 3.21 2.97
N ASP A 45 19.93 4.21 3.79
CA ASP A 45 19.33 3.99 5.11
C ASP A 45 17.95 4.64 5.17
N LEU A 46 17.11 4.21 6.11
CA LEU A 46 15.69 4.59 6.15
C LEU A 46 15.42 6.09 6.03
N HIS A 47 14.33 6.42 5.35
CA HIS A 47 13.95 7.80 5.10
C HIS A 47 13.16 8.44 6.24
N ILE A 48 13.23 9.77 6.33
CA ILE A 48 12.33 10.55 7.18
C ILE A 48 12.29 12.03 6.81
N PHE A 49 11.09 12.61 6.76
CA PHE A 49 10.87 14.02 6.47
C PHE A 49 11.40 14.96 7.57
N ASP A 50 11.36 16.27 7.31
CA ASP A 50 11.64 17.27 8.33
C ASP A 50 10.33 17.76 8.93
N SER A 51 9.31 17.89 8.08
CA SER A 51 7.94 18.17 8.53
C SER A 51 7.54 17.24 9.67
N VAL A 52 7.87 15.96 9.50
CA VAL A 52 7.55 14.94 10.49
C VAL A 52 8.37 15.09 11.76
N LEU A 53 9.67 15.34 11.63
CA LEU A 53 10.51 15.64 12.78
C LEU A 53 10.03 16.89 13.54
N ASN A 54 9.45 17.83 12.81
CA ASN A 54 8.92 19.04 13.42
C ASN A 54 7.55 18.83 14.07
N ALA A 55 6.69 18.08 13.41
CA ALA A 55 5.43 17.65 14.01
C ALA A 55 5.73 16.96 15.34
N ASP A 56 6.75 16.09 15.36
CA ASP A 56 7.16 15.44 16.59
C ASP A 56 7.45 16.43 17.70
N LYS A 57 8.38 17.36 17.46
CA LYS A 57 8.69 18.41 18.42
C LYS A 57 7.43 19.15 18.83
N LEU A 58 6.73 19.72 17.86
CA LEU A 58 5.44 20.37 18.09
C LEU A 58 4.54 19.63 19.08
N VAL A 59 4.54 18.30 19.00
CA VAL A 59 3.64 17.47 19.80
C VAL A 59 4.03 17.38 21.27
N THR A 60 5.32 17.34 21.55
CA THR A 60 5.76 17.23 22.92
C THR A 60 5.83 18.62 23.54
N GLU A 61 5.27 19.60 22.83
CA GLU A 61 5.22 20.99 23.29
C GLU A 61 3.81 21.39 23.69
N ASN A 62 2.82 20.77 23.07
CA ASN A 62 1.44 21.22 23.18
C ASN A 62 0.60 20.31 24.05
N TYR A 63 1.22 19.24 24.51
CA TYR A 63 0.51 18.15 25.14
C TYR A 63 1.29 17.60 26.33
N LYS A 64 0.63 17.47 27.46
CA LYS A 64 1.26 16.93 28.67
C LYS A 64 0.51 15.72 29.24
N GLU A 65 -0.81 15.75 29.12
CA GLU A 65 -1.66 14.62 29.51
C GLU A 65 -1.72 13.56 28.40
N LYS A 66 -1.92 12.29 28.79
CA LYS A 66 -2.07 11.19 27.82
C LYS A 66 -3.31 10.33 28.06
N PRO A 67 -4.50 10.80 27.65
CA PRO A 67 -5.78 10.09 27.82
C PRO A 67 -6.07 8.96 26.82
N TYR A 68 -6.86 7.99 27.26
CA TYR A 68 -7.49 7.00 26.40
C TYR A 68 -8.33 7.70 25.34
N LEU A 69 -8.25 7.22 24.09
CA LEU A 69 -9.11 7.73 23.00
C LEU A 69 -10.51 7.07 22.88
N LEU A 70 -11.54 7.85 23.21
CA LEU A 70 -12.90 7.38 23.54
C LEU A 70 -13.58 6.34 22.64
N GLY A 71 -13.70 6.54 21.32
CA GLY A 71 -13.11 7.61 20.53
C GLY A 71 -12.70 6.95 19.22
N ASN A 72 -11.75 6.02 19.33
CA ASN A 72 -11.17 5.34 18.19
C ASN A 72 -10.67 6.32 17.15
N GLY A 73 -10.20 7.46 17.67
CA GLY A 73 -9.76 8.58 16.86
C GLY A 73 -10.26 9.88 17.46
N THR A 74 -9.82 10.99 16.88
CA THR A 74 -10.22 12.33 17.30
C THR A 74 -11.29 12.85 16.35
N GLU A 75 -11.59 14.13 16.47
CA GLU A 75 -12.47 14.85 15.57
C GLU A 75 -11.65 15.52 14.44
N ASP A 76 -10.48 16.03 14.78
CA ASP A 76 -9.51 16.57 13.81
C ASP A 76 -8.93 15.47 12.94
N PHE A 77 -8.55 14.36 13.58
CA PHE A 77 -8.07 13.18 12.86
C PHE A 77 -9.06 12.76 11.79
N SER A 78 -10.32 12.59 12.17
CA SER A 78 -11.29 12.09 11.22
C SER A 78 -11.73 13.10 10.16
N THR A 79 -11.39 14.39 10.29
CA THR A 79 -11.67 15.36 9.22
C THR A 79 -10.43 15.69 8.43
N LEU A 80 -9.34 15.98 9.13
CA LEU A 80 -8.05 16.26 8.48
C LEU A 80 -7.66 15.13 7.54
N THR A 81 -7.76 13.90 8.05
CA THR A 81 -7.39 12.68 7.35
C THR A 81 -8.21 12.48 6.08
N GLN A 82 -9.52 12.56 6.22
CA GLN A 82 -10.39 12.26 5.09
C GLN A 82 -10.32 13.32 4.00
N ASN A 83 -9.83 14.51 4.34
CA ASN A 83 -9.51 15.50 3.30
C ASN A 83 -8.61 14.86 2.24
N LEU A 84 -7.58 14.15 2.69
CA LEU A 84 -6.58 13.59 1.80
C LEU A 84 -7.17 12.65 0.78
N ILE A 85 -8.19 11.86 1.16
CA ILE A 85 -8.74 10.93 0.19
C ILE A 85 -9.88 11.51 -0.62
N PHE A 86 -10.75 12.30 0.00
CA PHE A 86 -11.92 12.84 -0.70
C PHE A 86 -11.71 14.26 -1.18
N GLY A 87 -10.53 14.83 -0.90
CA GLY A 87 -10.18 16.17 -1.34
C GLY A 87 -10.87 17.22 -0.52
N ASN A 88 -11.11 18.37 -1.15
CA ASN A 88 -11.95 19.42 -0.57
C ASN A 88 -12.47 20.40 -1.61
N ASN A 89 -13.77 20.72 -1.52
CA ASN A 89 -14.62 20.09 -0.53
C ASN A 89 -15.46 18.96 -1.12
N SER A 90 -16.00 18.14 -0.23
CA SER A 90 -16.66 16.92 -0.62
C SER A 90 -18.15 17.01 -0.35
N LYS A 91 -18.95 16.33 -1.18
CA LYS A 91 -20.37 16.09 -0.91
C LYS A 91 -20.53 15.22 0.36
N TYR A 92 -19.55 14.35 0.60
CA TYR A 92 -19.57 13.36 1.67
C TYR A 92 -19.10 13.91 3.02
N ILE A 93 -18.01 14.67 3.02
CA ILE A 93 -17.38 15.13 4.26
C ILE A 93 -18.27 16.03 5.13
N GLU A 94 -18.62 17.21 4.62
CA GLU A 94 -19.38 18.18 5.42
C GLU A 94 -20.85 17.79 5.65
N ASP A 95 -21.31 16.77 4.94
CA ASP A 95 -22.64 16.17 5.16
C ASP A 95 -22.61 15.01 6.16
N LYS A 96 -21.46 14.89 6.85
CA LYS A 96 -21.21 13.86 7.88
C LYS A 96 -21.65 12.47 7.42
N LYS A 97 -21.22 12.08 6.22
CA LYS A 97 -21.60 10.79 5.65
C LYS A 97 -20.49 9.75 5.77
N ILE A 98 -19.28 10.19 6.12
CA ILE A 98 -18.17 9.25 6.32
C ILE A 98 -17.92 8.99 7.79
N CYS A 99 -17.89 7.71 8.12
CA CYS A 99 -17.46 7.26 9.43
C CYS A 99 -16.02 6.82 9.30
N THR A 100 -15.14 7.55 9.95
CA THR A 100 -13.73 7.19 9.93
C THR A 100 -13.20 6.95 11.33
N ILE A 101 -12.16 6.12 11.42
CA ILE A 101 -11.61 5.62 12.68
C ILE A 101 -10.10 5.47 12.58
N GLN A 102 -9.37 5.72 13.67
CA GLN A 102 -7.91 5.61 13.67
C GLN A 102 -7.50 4.16 13.91
N CYS A 103 -6.65 3.60 13.06
CA CYS A 103 -6.23 2.23 13.26
C CYS A 103 -4.73 2.11 13.41
N ILE A 104 -4.26 0.88 13.57
CA ILE A 104 -2.84 0.63 13.73
C ILE A 104 -2.22 0.35 12.34
N GLY A 105 -2.02 1.44 11.60
CA GLY A 105 -1.47 1.35 10.26
C GLY A 105 -2.53 0.85 9.29
N GLY A 106 -2.13 0.68 8.02
CA GLY A 106 -3.04 0.15 7.01
C GLY A 106 -3.52 -1.26 7.34
N THR A 107 -2.58 -2.11 7.77
CA THR A 107 -2.86 -3.49 8.26
C THR A 107 -3.94 -3.44 9.30
N GLY A 108 -3.77 -2.52 10.25
CA GLY A 108 -4.69 -2.36 11.33
C GLY A 108 -6.07 -1.98 10.83
N ALA A 109 -6.16 -1.27 9.72
CA ALA A 109 -7.47 -0.87 9.25
C ALA A 109 -8.06 -2.01 8.44
N ILE A 110 -7.23 -2.68 7.66
CA ILE A 110 -7.71 -3.78 6.84
C ILE A 110 -8.37 -4.76 7.79
N PHE A 111 -7.60 -5.24 8.76
CA PHE A 111 -8.15 -6.26 9.65
C PHE A 111 -9.42 -5.90 10.40
N VAL A 112 -9.56 -4.69 10.95
CA VAL A 112 -10.81 -4.36 11.64
C VAL A 112 -11.97 -4.44 10.67
N LEU A 113 -11.73 -4.00 9.44
CA LEU A 113 -12.76 -4.07 8.41
C LEU A 113 -13.15 -5.50 8.07
N LEU A 114 -12.17 -6.38 8.04
CA LEU A 114 -12.48 -7.78 7.78
C LEU A 114 -13.25 -8.34 8.97
N GLU A 115 -12.84 -7.99 10.18
CA GLU A 115 -13.59 -8.40 11.35
C GLU A 115 -15.00 -7.85 11.21
N PHE A 116 -15.11 -6.68 10.60
CA PHE A 116 -16.43 -6.04 10.45
C PHE A 116 -17.26 -6.72 9.39
N LEU A 117 -16.60 -7.32 8.40
CA LEU A 117 -17.29 -8.04 7.36
C LEU A 117 -17.82 -9.39 7.85
N LYS A 118 -17.08 -10.09 8.73
CA LYS A 118 -17.57 -11.37 9.28
C LYS A 118 -18.84 -11.10 10.05
N MET A 119 -18.92 -9.88 10.57
CA MET A 119 -20.06 -9.40 11.29
C MET A 119 -21.33 -9.44 10.49
N LEU A 120 -21.20 -9.42 9.17
CA LEU A 120 -22.34 -9.37 8.27
C LEU A 120 -22.52 -10.70 7.51
N ASN A 121 -23.15 -10.64 6.34
CA ASN A 121 -23.33 -11.83 5.48
C ASN A 121 -22.28 -11.78 4.39
N VAL A 122 -21.01 -11.83 4.81
CA VAL A 122 -19.93 -11.70 3.86
C VAL A 122 -19.11 -12.99 3.82
N GLU A 123 -19.37 -13.81 2.82
CA GLU A 123 -18.80 -15.16 2.78
C GLU A 123 -17.61 -15.27 1.84
N THR A 124 -17.50 -14.30 0.94
CA THR A 124 -16.61 -14.39 -0.20
C THR A 124 -16.04 -13.01 -0.46
N LEU A 125 -14.74 -12.95 -0.74
CA LEU A 125 -14.04 -11.69 -1.08
C LEU A 125 -13.23 -11.85 -2.34
N TYR A 126 -13.40 -10.91 -3.26
CA TYR A 126 -12.60 -10.89 -4.47
C TYR A 126 -11.37 -10.01 -4.33
N VAL A 127 -10.27 -10.50 -4.91
CA VAL A 127 -9.00 -9.83 -4.83
C VAL A 127 -8.41 -9.84 -6.24
N THR A 128 -7.69 -8.79 -6.65
CA THR A 128 -7.19 -8.77 -8.04
C THR A 128 -5.90 -9.57 -8.12
N ASN A 129 -5.71 -10.32 -9.21
CA ASN A 129 -4.50 -11.12 -9.34
C ASN A 129 -3.37 -10.38 -10.02
N PRO A 130 -2.15 -10.45 -9.46
CA PRO A 130 -1.78 -11.10 -8.21
C PRO A 130 -2.02 -10.10 -7.06
N PRO A 131 -2.18 -10.61 -5.83
CA PRO A 131 -2.66 -9.78 -4.72
C PRO A 131 -1.55 -9.44 -3.75
N TYR A 132 -1.69 -8.33 -3.03
CA TYR A 132 -0.80 -8.06 -1.92
C TYR A 132 -0.83 -9.29 -1.00
N ILE A 133 0.32 -9.93 -0.80
CA ILE A 133 0.41 -11.17 0.00
C ILE A 133 -0.40 -11.17 1.26
N ASN A 134 -0.17 -10.22 2.17
CA ASN A 134 -0.90 -10.26 3.44
C ASN A 134 -2.42 -10.30 3.25
N HIS A 135 -2.97 -9.52 2.33
CA HIS A 135 -4.38 -9.69 2.05
C HIS A 135 -4.75 -11.17 2.04
N VAL A 136 -4.00 -12.00 1.30
CA VAL A 136 -4.30 -13.42 1.25
C VAL A 136 -4.36 -13.97 2.66
N ASN A 137 -3.30 -13.77 3.44
CA ASN A 137 -3.21 -14.31 4.80
C ASN A 137 -4.33 -13.80 5.71
N MET A 138 -4.54 -12.49 5.67
CA MET A 138 -5.52 -11.87 6.52
C MET A 138 -6.95 -12.33 6.20
N ILE A 139 -7.28 -12.41 4.91
CA ILE A 139 -8.59 -12.86 4.49
C ILE A 139 -8.82 -14.31 4.88
N GLU A 140 -7.91 -15.17 4.45
CA GLU A 140 -8.09 -16.61 4.47
C GLU A 140 -8.12 -17.11 5.89
N SER A 141 -7.10 -16.76 6.65
CA SER A 141 -7.04 -17.20 8.03
C SER A 141 -8.21 -16.76 8.91
N ARG A 142 -9.23 -16.10 8.35
CA ARG A 142 -10.54 -16.02 9.06
C ARG A 142 -11.72 -16.61 8.32
N GLY A 143 -11.42 -17.59 7.48
CA GLY A 143 -12.44 -18.41 6.82
C GLY A 143 -13.44 -17.67 5.93
N PHE A 144 -12.92 -16.81 5.06
CA PHE A 144 -13.68 -16.26 3.96
C PHE A 144 -13.28 -17.12 2.76
N ASN A 145 -14.11 -17.15 1.71
CA ASN A 145 -13.69 -17.72 0.44
C ASN A 145 -12.90 -16.65 -0.21
N LEU A 146 -11.72 -16.97 -0.68
CA LEU A 146 -10.92 -16.00 -1.41
C LEU A 146 -10.94 -16.35 -2.88
N LYS A 147 -11.42 -15.41 -3.69
CA LYS A 147 -11.44 -15.60 -5.13
C LYS A 147 -10.67 -14.50 -5.84
N TYR A 148 -10.11 -14.85 -7.01
CA TYR A 148 -9.20 -13.97 -7.75
C TYR A 148 -9.80 -13.47 -9.03
N ILE A 149 -9.67 -12.16 -9.26
CA ILE A 149 -10.04 -11.50 -10.51
C ILE A 149 -8.79 -11.29 -11.39
N ASN A 150 -8.92 -11.57 -12.70
CA ASN A 150 -7.86 -11.27 -13.68
C ASN A 150 -7.41 -9.84 -13.54
N PHE A 151 -6.13 -9.58 -13.74
CA PHE A 151 -5.68 -8.20 -13.65
C PHE A 151 -4.42 -7.94 -14.47
N PHE A 152 -3.28 -8.13 -13.83
CA PHE A 152 -2.00 -7.88 -14.43
C PHE A 152 -1.78 -8.86 -15.56
N ASP A 153 -1.28 -8.37 -16.70
CA ASP A 153 -0.99 -9.25 -17.85
C ASP A 153 0.47 -9.62 -17.83
N TYR A 154 0.71 -10.92 -17.73
CA TYR A 154 2.04 -11.38 -17.37
C TYR A 154 3.01 -11.30 -18.52
N ASN A 155 2.48 -11.37 -19.74
CA ASN A 155 3.34 -11.29 -20.92
C ASN A 155 3.46 -9.89 -21.51
N LEU A 156 2.37 -9.15 -21.51
CA LEU A 156 2.39 -7.76 -21.94
C LEU A 156 3.03 -6.81 -20.93
N ILE A 157 2.91 -7.13 -19.64
CA ILE A 157 3.40 -6.30 -18.52
C ILE A 157 2.64 -4.97 -18.37
N ASP A 158 1.31 -5.08 -18.30
CA ASP A 158 0.43 -3.96 -18.09
C ASP A 158 -0.82 -4.63 -17.58
N ILE A 159 -1.78 -3.86 -17.09
CA ILE A 159 -3.10 -4.41 -16.75
C ILE A 159 -3.76 -4.92 -18.02
N ASN A 160 -4.48 -6.02 -17.91
CA ASN A 160 -5.27 -6.52 -19.00
C ASN A 160 -6.68 -6.01 -18.74
N TYR A 161 -6.97 -4.81 -19.22
CA TYR A 161 -8.23 -4.13 -18.89
C TYR A 161 -9.43 -4.83 -19.49
N ASP A 162 -9.20 -5.74 -20.42
CA ASP A 162 -10.28 -6.45 -21.11
C ASP A 162 -10.82 -7.53 -20.21
N LEU A 163 -9.91 -8.38 -19.72
CA LEU A 163 -10.25 -9.48 -18.81
C LEU A 163 -10.56 -9.00 -17.38
N PHE A 164 -9.96 -7.89 -16.96
CA PHE A 164 -10.27 -7.33 -15.66
C PHE A 164 -11.76 -6.91 -15.52
N LEU A 165 -12.27 -6.19 -16.50
CA LEU A 165 -13.67 -5.74 -16.51
C LEU A 165 -14.64 -6.86 -16.82
N ASN A 166 -14.18 -7.87 -17.55
CA ASN A 166 -14.94 -9.09 -17.77
C ASN A 166 -15.39 -9.75 -16.48
N ASP A 167 -14.42 -10.09 -15.62
CA ASP A 167 -14.67 -10.71 -14.35
C ASP A 167 -15.48 -9.78 -13.50
N LEU A 168 -15.08 -8.51 -13.51
CA LEU A 168 -15.84 -7.48 -12.83
C LEU A 168 -17.32 -7.48 -13.23
N ARG A 169 -17.62 -8.11 -14.38
CA ARG A 169 -18.99 -8.16 -14.90
C ARG A 169 -19.74 -9.47 -14.63
N ASN A 170 -19.04 -10.58 -14.40
CA ASN A 170 -19.76 -11.82 -14.16
C ASN A 170 -19.52 -12.46 -12.79
N ILE A 171 -18.92 -11.69 -11.89
CA ILE A 171 -18.76 -12.11 -10.51
C ILE A 171 -20.01 -11.72 -9.74
N PRO A 172 -20.77 -12.72 -9.22
CA PRO A 172 -22.05 -12.42 -8.61
C PRO A 172 -22.55 -10.96 -8.74
N ASN A 173 -22.93 -10.37 -7.62
CA ASN A 173 -23.65 -9.10 -7.60
C ASN A 173 -23.52 -8.58 -6.19
N GLY A 174 -23.17 -7.32 -6.04
CA GLY A 174 -22.83 -6.84 -4.71
C GLY A 174 -21.74 -7.74 -4.14
N SER A 175 -20.78 -8.11 -4.98
CA SER A 175 -19.61 -8.80 -4.49
C SER A 175 -18.71 -7.77 -3.84
N SER A 176 -17.97 -8.23 -2.85
CA SER A 176 -17.07 -7.38 -2.11
C SER A 176 -15.73 -7.53 -2.78
N VAL A 177 -15.13 -6.40 -3.15
CA VAL A 177 -13.87 -6.43 -3.91
C VAL A 177 -12.84 -5.46 -3.35
N ILE A 178 -11.61 -5.92 -3.25
CA ILE A 178 -10.47 -5.11 -2.82
C ILE A 178 -9.68 -4.60 -4.03
N LEU A 179 -9.52 -3.29 -4.12
CA LEU A 179 -8.81 -2.71 -5.24
C LEU A 179 -7.66 -1.86 -4.76
N GLN A 180 -6.53 -2.09 -5.41
CA GLN A 180 -5.38 -1.19 -5.34
C GLN A 180 -5.38 -0.48 -6.68
N ILE A 181 -5.70 0.79 -6.66
CA ILE A 181 -5.90 1.57 -7.87
C ILE A 181 -4.64 2.28 -8.31
N SER A 182 -3.68 2.39 -7.40
CA SER A 182 -2.46 3.15 -7.65
C SER A 182 -1.34 2.52 -6.85
N CYS A 183 -0.11 2.65 -7.35
CA CYS A 183 1.09 2.11 -6.73
C CYS A 183 1.02 0.63 -6.36
N TYR A 184 0.32 -0.14 -7.17
CA TYR A 184 0.00 -1.54 -6.91
C TYR A 184 1.18 -2.30 -6.29
N ASN A 185 0.89 -3.04 -5.23
CA ASN A 185 1.84 -3.93 -4.57
C ASN A 185 1.43 -5.39 -4.74
N PRO A 186 2.20 -6.18 -5.52
CA PRO A 186 3.51 -5.90 -6.15
C PRO A 186 3.58 -5.27 -7.55
N CYS A 187 2.55 -5.42 -8.40
CA CYS A 187 2.60 -4.96 -9.82
C CYS A 187 3.22 -3.60 -10.14
N SER A 188 2.93 -2.59 -9.31
CA SER A 188 3.45 -1.25 -9.51
C SER A 188 2.84 -0.62 -10.76
N VAL A 189 1.61 -1.02 -11.07
CA VAL A 189 0.90 -0.55 -12.26
C VAL A 189 -0.41 0.10 -11.79
N ASN A 190 -0.62 1.39 -12.08
CA ASN A 190 -1.88 2.08 -11.70
C ASN A 190 -2.94 2.11 -12.82
N ILE A 191 -4.21 2.20 -12.44
CA ILE A 191 -5.33 2.22 -13.39
C ILE A 191 -5.44 3.56 -14.12
N GLU A 192 -5.28 3.57 -15.45
CA GLU A 192 -5.36 4.80 -16.27
C GLU A 192 -6.77 5.42 -16.26
N GLU A 193 -6.87 6.76 -16.25
CA GLU A 193 -8.20 7.39 -16.22
C GLU A 193 -9.06 6.98 -17.40
N LYS A 194 -8.42 6.62 -18.52
CA LYS A 194 -9.14 6.16 -19.71
C LYS A 194 -10.31 5.24 -19.32
N TYR A 195 -10.12 4.46 -18.25
CA TYR A 195 -11.04 3.39 -17.86
C TYR A 195 -11.94 3.63 -16.63
N PHE A 196 -11.64 4.65 -15.83
CA PHE A 196 -12.47 4.94 -14.66
C PHE A 196 -13.96 4.84 -15.01
N ASP A 197 -14.41 5.65 -15.96
CA ASP A 197 -15.85 5.79 -16.23
C ASP A 197 -16.55 4.46 -16.52
N GLU A 198 -15.87 3.57 -17.23
CA GLU A 198 -16.51 2.29 -17.53
C GLU A 198 -16.79 1.56 -16.22
N ILE A 199 -15.75 1.44 -15.38
CA ILE A 199 -15.88 0.86 -14.05
C ILE A 199 -17.08 1.43 -13.28
N ILE A 200 -17.14 2.74 -13.14
CA ILE A 200 -18.21 3.35 -12.41
C ILE A 200 -19.51 2.75 -12.92
N GLU A 201 -19.61 2.55 -14.23
CA GLU A 201 -20.85 2.03 -14.79
C GLU A 201 -21.11 0.58 -14.39
N ILE A 202 -20.06 -0.25 -14.46
CA ILE A 202 -20.12 -1.65 -14.04
C ILE A 202 -20.48 -1.77 -12.55
N VAL A 203 -19.77 -1.01 -11.74
CA VAL A 203 -19.97 -0.99 -10.29
C VAL A 203 -21.38 -0.55 -9.92
N LEU A 204 -21.94 0.37 -10.70
CA LEU A 204 -23.33 0.81 -10.51
C LEU A 204 -24.37 -0.25 -10.89
N HIS A 205 -24.15 -0.92 -12.01
CA HIS A 205 -25.06 -1.97 -12.45
C HIS A 205 -25.04 -3.16 -11.49
N LYS A 206 -23.84 -3.58 -11.09
CA LYS A 206 -23.70 -4.77 -10.26
C LYS A 206 -23.77 -4.47 -8.74
N LYS A 207 -23.83 -3.18 -8.42
CA LYS A 207 -23.95 -2.70 -7.03
C LYS A 207 -22.85 -3.23 -6.09
N HIS A 208 -21.74 -3.68 -6.68
CA HIS A 208 -20.59 -4.19 -5.91
C HIS A 208 -20.21 -3.31 -4.73
N VAL A 209 -19.57 -3.93 -3.75
CA VAL A 209 -19.06 -3.22 -2.60
C VAL A 209 -17.55 -3.16 -2.70
N ILE A 210 -17.03 -1.94 -2.78
CA ILE A 210 -15.60 -1.75 -3.00
C ILE A 210 -14.81 -1.32 -1.76
N ILE A 211 -13.63 -1.89 -1.60
CA ILE A 211 -12.73 -1.51 -0.52
C ILE A 211 -11.45 -1.09 -1.20
N PHE A 212 -11.11 0.18 -1.07
CA PHE A 212 -9.91 0.68 -1.69
C PHE A 212 -8.74 0.52 -0.72
N ASP A 213 -7.62 0.01 -1.22
CA ASP A 213 -6.41 -0.01 -0.41
C ASP A 213 -5.43 1.08 -0.83
N ILE A 214 -5.25 2.06 0.06
CA ILE A 214 -4.39 3.19 -0.21
C ILE A 214 -3.21 3.25 0.77
N ALA A 215 -2.09 2.63 0.37
CA ALA A 215 -0.87 2.68 1.15
C ALA A 215 0.14 3.73 0.70
N TYR A 216 0.00 4.24 -0.52
CA TYR A 216 0.98 5.18 -1.07
C TYR A 216 0.39 6.37 -1.83
N GLN A 217 -0.40 7.20 -1.17
CA GLN A 217 -0.84 8.43 -1.81
C GLN A 217 0.42 9.25 -2.08
N GLY A 218 0.68 9.55 -3.35
CA GLY A 218 1.77 10.46 -3.71
C GLY A 218 3.02 9.84 -4.30
N PHE A 219 2.93 8.55 -4.65
CA PHE A 219 4.05 7.83 -5.25
C PHE A 219 3.81 7.47 -6.71
N GLY A 220 2.55 7.43 -7.12
CA GLY A 220 2.21 7.10 -8.50
C GLY A 220 2.36 8.28 -9.43
N HIS A 221 2.17 9.47 -8.88
CA HIS A 221 2.21 10.70 -9.68
C HIS A 221 3.05 11.78 -9.04
N THR A 222 2.96 12.98 -9.60
CA THR A 222 3.62 14.16 -9.04
C THR A 222 2.66 14.86 -8.08
N ASN A 223 1.41 15.04 -8.53
CA ASN A 223 0.35 15.52 -7.67
C ASN A 223 -0.22 14.33 -6.95
N LEU A 224 -0.49 14.48 -5.65
CA LEU A 224 -0.91 13.34 -4.84
C LEU A 224 -2.42 13.24 -4.75
N GLU A 225 -3.12 14.22 -5.29
CA GLU A 225 -4.56 14.09 -5.43
C GLU A 225 -4.86 13.23 -6.64
N GLU A 226 -3.94 13.20 -7.61
CA GLU A 226 -4.06 12.34 -8.79
C GLU A 226 -4.29 10.89 -8.37
N ASP A 227 -3.37 10.35 -7.57
CA ASP A 227 -3.36 8.94 -7.13
C ASP A 227 -4.69 8.41 -6.61
N VAL A 228 -5.56 9.32 -6.22
CA VAL A 228 -6.80 8.96 -5.57
C VAL A 228 -8.03 9.43 -6.40
N LEU A 229 -7.83 9.60 -7.71
CA LEU A 229 -8.90 10.13 -8.56
C LEU A 229 -10.12 9.23 -8.63
N LEU A 230 -9.90 7.93 -8.84
CA LEU A 230 -11.02 7.02 -9.00
C LEU A 230 -11.98 7.19 -7.85
N ILE A 231 -11.43 7.36 -6.65
CA ILE A 231 -12.23 7.51 -5.45
C ILE A 231 -13.09 8.76 -5.58
N ARG A 232 -12.47 9.86 -6.00
CA ARG A 232 -13.18 11.13 -6.12
C ARG A 232 -14.24 11.11 -7.23
N LYS A 233 -13.89 10.47 -8.33
CA LYS A 233 -14.86 10.25 -9.39
C LYS A 233 -16.04 9.41 -8.85
N PHE A 234 -15.75 8.27 -8.22
CA PHE A 234 -16.74 7.45 -7.50
C PHE A 234 -17.68 8.28 -6.62
N GLU A 235 -17.11 9.22 -5.87
CA GLU A 235 -17.88 10.07 -4.98
C GLU A 235 -18.91 10.92 -5.73
N GLU A 236 -18.48 11.59 -6.79
CA GLU A 236 -19.42 12.25 -7.67
C GLU A 236 -20.34 11.18 -8.23
N LYS A 237 -21.62 11.49 -8.38
CA LYS A 237 -22.67 10.47 -8.58
C LYS A 237 -22.46 9.37 -7.52
N ASN A 238 -22.86 9.71 -6.31
CA ASN A 238 -22.42 9.03 -5.10
C ASN A 238 -22.64 7.54 -5.04
N ILE A 239 -21.55 6.81 -4.92
CA ILE A 239 -21.58 5.37 -4.63
C ILE A 239 -20.94 5.20 -3.25
N ALA A 240 -21.28 4.11 -2.55
CA ALA A 240 -20.72 3.82 -1.23
C ALA A 240 -19.56 2.81 -1.28
N PHE A 241 -18.60 2.94 -0.37
CA PHE A 241 -17.41 2.08 -0.39
C PHE A 241 -16.61 2.23 0.90
N SER A 242 -15.38 1.68 0.92
CA SER A 242 -14.53 1.77 2.09
C SER A 242 -13.10 2.06 1.72
N VAL A 243 -12.38 2.69 2.65
CA VAL A 243 -10.98 3.02 2.41
C VAL A 243 -10.10 2.63 3.60
N CYS A 244 -9.09 1.82 3.33
CA CYS A 244 -8.02 1.58 4.28
C CYS A 244 -6.85 2.41 3.86
N GLN A 245 -6.35 3.24 4.77
CA GLN A 245 -5.34 4.24 4.47
C GLN A 245 -4.16 4.12 5.42
N SER A 246 -2.96 3.98 4.85
CA SER A 246 -1.73 3.90 5.62
C SER A 246 -0.89 5.13 5.40
N PHE A 247 -0.18 5.55 6.43
CA PHE A 247 0.73 6.68 6.36
C PHE A 247 2.12 6.17 6.67
N SER A 248 2.32 4.86 6.52
CA SER A 248 3.62 4.29 6.81
C SER A 248 4.66 4.79 5.85
N LYS A 249 4.27 4.98 4.57
CA LYS A 249 5.19 5.49 3.55
C LYS A 249 5.02 6.98 3.19
N ASN A 250 3.76 7.43 3.12
CA ASN A 250 3.39 8.84 3.01
C ASN A 250 4.17 9.81 3.87
N MET A 251 4.08 9.59 5.19
CA MET A 251 4.74 10.43 6.17
C MET A 251 6.04 9.81 6.64
N SER A 252 6.47 8.72 6.00
CA SER A 252 7.60 7.93 6.47
C SER A 252 7.43 7.45 7.92
N LEU A 253 6.19 7.33 8.38
CA LEU A 253 5.86 6.86 9.73
C LEU A 253 5.73 5.36 9.79
N TYR A 254 6.85 4.66 9.74
CA TYR A 254 6.78 3.22 9.65
C TYR A 254 6.33 2.59 10.97
N GLY A 255 7.20 2.64 11.97
CA GLY A 255 6.92 2.03 13.26
C GLY A 255 5.82 2.68 14.08
N GLU A 256 5.41 3.88 13.71
CA GLU A 256 4.35 4.58 14.45
C GLU A 256 3.01 3.86 14.28
N ARG A 257 2.94 3.07 13.20
CA ARG A 257 1.72 2.34 12.78
C ARG A 257 0.55 3.29 12.58
N ALA A 258 0.74 4.34 11.79
CA ALA A 258 -0.36 5.30 11.53
C ALA A 258 -1.28 4.84 10.37
N GLY A 259 -2.56 4.64 10.67
CA GLY A 259 -3.54 4.27 9.64
C GLY A 259 -4.97 4.71 9.93
N ALA A 260 -5.82 4.70 8.91
CA ALA A 260 -7.21 5.05 9.08
C ALA A 260 -8.15 4.12 8.30
N LEU A 261 -9.43 4.09 8.68
CA LEU A 261 -10.47 3.31 7.99
C LEU A 261 -11.65 4.23 7.66
N HIS A 262 -11.99 4.38 6.39
CA HIS A 262 -13.15 5.20 6.01
C HIS A 262 -14.27 4.35 5.44
N ILE A 263 -15.46 4.49 6.02
CA ILE A 263 -16.66 3.83 5.51
C ILE A 263 -17.72 4.86 5.16
N VAL A 264 -18.21 4.78 3.92
CA VAL A 264 -19.17 5.76 3.41
C VAL A 264 -20.58 5.28 3.72
N CYS A 265 -21.36 6.13 4.39
CA CYS A 265 -22.69 5.77 4.89
C CYS A 265 -23.85 6.54 4.24
N LYS A 266 -24.99 5.87 4.10
CA LYS A 266 -26.20 6.45 3.52
C LYS A 266 -26.64 7.77 4.19
N ASN A 267 -26.81 7.77 5.51
CA ASN A 267 -27.21 8.98 6.24
C ASN A 267 -26.42 9.23 7.51
N GLN A 268 -26.59 10.44 8.06
CA GLN A 268 -25.97 10.87 9.31
C GLN A 268 -26.30 9.93 10.49
N GLU A 269 -27.21 8.98 10.25
CA GLU A 269 -27.72 8.08 11.29
C GLU A 269 -27.25 6.64 11.14
N GLU A 270 -26.74 6.30 9.95
CA GLU A 270 -26.02 5.03 9.75
C GLU A 270 -24.60 5.18 10.27
N LYS A 271 -24.00 6.33 9.98
CA LYS A 271 -22.72 6.73 10.57
C LYS A 271 -22.71 6.34 12.07
N LYS A 272 -23.70 6.83 12.84
CA LYS A 272 -23.79 6.58 14.28
C LYS A 272 -23.77 5.11 14.67
N ILE A 273 -24.49 4.27 13.91
CA ILE A 273 -24.51 2.82 14.16
C ILE A 273 -23.14 2.17 13.87
N VAL A 274 -22.71 2.19 12.61
CA VAL A 274 -21.43 1.61 12.21
C VAL A 274 -20.35 1.94 13.23
N PHE A 275 -20.38 3.18 13.72
CA PHE A 275 -19.43 3.62 14.71
C PHE A 275 -19.45 2.72 15.95
N ASN A 276 -20.65 2.52 16.52
CA ASN A 276 -20.82 1.65 17.68
C ASN A 276 -20.38 0.22 17.41
N ASN A 277 -20.76 -0.33 16.25
CA ASN A 277 -20.25 -1.62 15.79
C ASN A 277 -18.72 -1.68 15.78
N LEU A 278 -18.10 -0.62 15.28
CA LEU A 278 -16.65 -0.63 15.20
C LEU A 278 -16.01 -0.57 16.57
N CYS A 279 -16.47 0.35 17.41
CA CYS A 279 -15.97 0.44 18.79
C CYS A 279 -16.11 -0.89 19.47
N PHE A 280 -17.30 -1.46 19.33
CA PHE A 280 -17.57 -2.77 19.83
C PHE A 280 -16.49 -3.74 19.36
N ILE A 281 -16.42 -3.98 18.06
CA ILE A 281 -15.37 -4.83 17.48
C ILE A 281 -13.96 -4.55 18.04
N VAL A 282 -13.56 -3.28 18.08
CA VAL A 282 -12.23 -2.91 18.58
C VAL A 282 -11.97 -3.39 20.02
N ARG A 283 -13.03 -3.46 20.83
CA ARG A 283 -12.95 -3.78 22.26
C ARG A 283 -12.69 -5.24 22.61
N LYS A 284 -12.86 -6.14 21.64
CA LYS A 284 -12.44 -7.53 21.83
C LYS A 284 -11.02 -7.73 21.29
N PHE A 285 -10.30 -6.62 21.07
CA PHE A 285 -8.91 -6.69 20.62
C PHE A 285 -7.97 -5.79 21.47
N TYR A 286 -7.96 -4.48 21.20
CA TYR A 286 -7.07 -3.55 21.91
C TYR A 286 -7.75 -2.34 22.53
N SER A 287 -9.09 -2.32 22.56
CA SER A 287 -9.87 -1.22 23.15
C SER A 287 -9.70 0.21 22.57
N SER A 288 -8.47 0.71 22.37
CA SER A 288 -8.29 2.03 21.72
C SER A 288 -6.94 2.28 21.01
N PRO A 289 -6.89 3.27 20.10
CA PRO A 289 -5.69 3.63 19.33
C PRO A 289 -4.68 4.46 20.10
N VAL A 290 -3.45 4.50 19.59
CA VAL A 290 -2.34 5.28 20.14
C VAL A 290 -2.55 6.80 20.03
N ILE A 291 -2.46 7.46 21.18
CA ILE A 291 -2.73 8.88 21.27
C ILE A 291 -1.57 9.70 20.66
N HIS A 292 -0.34 9.24 20.87
CA HIS A 292 0.82 9.92 20.31
C HIS A 292 0.75 10.02 18.80
N THR A 293 0.53 8.89 18.14
CA THR A 293 0.55 8.88 16.69
C THR A 293 -0.66 9.64 16.18
N ASN A 294 -1.71 9.72 16.99
CA ASN A 294 -2.84 10.57 16.63
C ASN A 294 -2.43 12.03 16.61
N ARG A 295 -1.84 12.48 17.71
CA ARG A 295 -1.32 13.85 17.82
C ARG A 295 -0.30 14.23 16.73
N ILE A 296 0.75 13.41 16.51
CA ILE A 296 1.74 13.69 15.44
C ILE A 296 1.06 14.03 14.12
N LEU A 297 0.01 13.26 13.79
CA LEU A 297 -0.69 13.41 12.52
C LEU A 297 -1.50 14.70 12.40
N CYS A 298 -2.36 14.94 13.39
CA CYS A 298 -3.10 16.20 13.46
C CYS A 298 -2.20 17.44 13.36
N GLN A 299 -1.11 17.47 14.12
CA GLN A 299 -0.18 18.58 14.14
C GLN A 299 0.38 18.91 12.75
N LEU A 300 0.98 17.92 12.10
CA LEU A 300 1.48 18.06 10.73
C LEU A 300 0.37 18.55 9.81
N LEU A 301 -0.62 17.70 9.61
CA LEU A 301 -1.68 17.91 8.64
C LEU A 301 -2.46 19.22 8.87
N ASN A 302 -2.60 19.62 10.14
CA ASN A 302 -3.41 20.78 10.50
C ASN A 302 -2.70 22.12 10.33
N ASN A 303 -1.38 22.08 10.20
CA ASN A 303 -0.59 23.29 10.01
C ASN A 303 -0.06 23.44 8.58
N GLN A 304 -0.40 24.56 7.95
CA GLN A 304 -0.13 24.78 6.54
C GLN A 304 1.34 24.69 6.19
N ASN A 305 2.16 25.44 6.93
CA ASN A 305 3.60 25.46 6.72
C ASN A 305 4.26 24.08 6.76
N LEU A 306 3.66 23.15 7.49
CA LEU A 306 4.14 21.78 7.53
C LEU A 306 3.49 20.93 6.44
N LYS A 307 2.17 21.01 6.29
CA LYS A 307 1.47 20.28 5.24
C LYS A 307 2.12 20.61 3.89
N LEU A 308 2.31 21.89 3.63
CA LEU A 308 2.92 22.35 2.38
C LEU A 308 4.39 21.98 2.24
N ASN A 309 5.12 22.05 3.35
CA ASN A 309 6.51 21.61 3.38
C ASN A 309 6.61 20.10 3.20
N TRP A 310 5.64 19.35 3.72
CA TRP A 310 5.61 17.91 3.52
C TRP A 310 5.23 17.54 2.10
N ILE A 311 4.04 17.96 1.65
CA ILE A 311 3.60 17.73 0.25
C ILE A 311 4.72 17.94 -0.79
N LYS A 312 5.48 19.02 -0.61
CA LYS A 312 6.62 19.33 -1.47
C LYS A 312 7.67 18.22 -1.43
N GLU A 313 8.25 17.94 -0.27
CA GLU A 313 9.24 16.85 -0.12
C GLU A 313 8.64 15.54 -0.67
N LEU A 314 7.35 15.36 -0.44
CA LEU A 314 6.60 14.24 -0.97
C LEU A 314 6.62 14.28 -2.50
N SER A 315 6.22 15.40 -3.08
CA SER A 315 6.25 15.54 -4.55
C SER A 315 7.66 15.37 -5.14
N GLN A 316 8.64 15.96 -4.46
CA GLN A 316 10.07 15.74 -4.71
C GLN A 316 10.50 14.28 -4.55
N LEU A 317 9.73 13.49 -3.81
CA LEU A 317 10.09 12.07 -3.62
C LEU A 317 9.66 11.17 -4.79
N SER A 318 8.37 11.14 -5.11
CA SER A 318 7.89 10.33 -6.23
C SER A 318 8.66 10.63 -7.52
N GLN A 319 9.05 11.89 -7.73
CA GLN A 319 9.90 12.23 -8.86
C GLN A 319 11.17 11.37 -8.80
N ARG A 320 11.97 11.53 -7.74
CA ARG A 320 13.27 10.85 -7.66
C ARG A 320 13.11 9.36 -7.91
N ILE A 321 12.10 8.75 -7.28
CA ILE A 321 11.82 7.34 -7.45
C ILE A 321 11.56 7.02 -8.92
N THR A 322 10.51 7.57 -9.52
CA THR A 322 10.20 7.18 -10.91
C THR A 322 11.41 7.45 -11.81
N ASN A 323 12.25 8.42 -11.43
CA ASN A 323 13.52 8.72 -12.13
C ASN A 323 14.55 7.59 -11.95
N ASN A 324 14.82 7.25 -10.71
CA ASN A 324 15.61 6.07 -10.34
C ASN A 324 15.23 4.78 -11.09
N ARG A 325 13.92 4.54 -11.29
CA ARG A 325 13.41 3.42 -12.09
C ARG A 325 13.77 3.53 -13.57
N ILE A 326 13.58 4.72 -14.14
CA ILE A 326 14.01 4.98 -15.52
C ILE A 326 15.50 4.67 -15.69
N LEU A 327 16.35 5.32 -14.88
CA LEU A 327 17.79 5.09 -14.90
C LEU A 327 18.09 3.59 -14.88
N PHE A 328 17.47 2.89 -13.94
CA PHE A 328 17.75 1.50 -13.69
C PHE A 328 17.68 0.60 -14.93
N PHE A 329 16.55 0.61 -15.63
CA PHE A 329 16.38 -0.24 -16.81
C PHE A 329 17.28 0.20 -17.95
N ASN A 330 17.70 1.45 -17.91
CA ASN A 330 18.64 1.94 -18.89
C ASN A 330 20.05 1.36 -18.71
N LYS A 331 20.40 1.04 -17.46
CA LYS A 331 21.67 0.38 -17.21
C LYS A 331 21.60 -1.10 -17.61
N LEU A 332 20.39 -1.64 -17.59
CA LEU A 332 20.14 -3.03 -17.97
C LEU A 332 20.04 -3.18 -19.47
N GLU A 333 19.58 -2.13 -20.15
CA GLU A 333 19.57 -2.16 -21.61
C GLU A 333 21.03 -2.19 -22.09
N THR A 334 21.91 -1.52 -21.33
CA THR A 334 23.34 -1.47 -21.62
C THR A 334 24.04 -2.77 -21.29
N TYR A 335 24.24 -3.07 -20.01
CA TYR A 335 25.03 -4.25 -19.61
C TYR A 335 24.60 -5.51 -20.33
N GLN A 336 23.30 -5.60 -20.54
CA GLN A 336 22.69 -6.57 -21.42
C GLN A 336 23.54 -6.91 -22.66
N LYS A 337 24.07 -5.88 -23.34
CA LYS A 337 24.91 -6.00 -24.54
C LYS A 337 26.18 -6.85 -24.32
N LYS A 338 26.79 -6.69 -23.16
CA LYS A 338 27.99 -7.46 -22.83
C LYS A 338 27.73 -8.97 -22.89
N TYR A 339 26.51 -9.37 -22.56
CA TYR A 339 26.18 -10.79 -22.55
C TYR A 339 25.37 -11.20 -23.79
N ASN A 340 25.24 -10.26 -24.72
CA ASN A 340 24.42 -10.39 -25.94
C ASN A 340 22.97 -10.86 -25.71
N LEU A 341 22.32 -10.28 -24.69
CA LEU A 341 20.94 -10.61 -24.34
C LEU A 341 20.00 -9.66 -25.07
N ASN A 342 18.74 -10.07 -25.22
CA ASN A 342 17.80 -9.45 -26.16
C ASN A 342 16.41 -9.15 -25.57
N TYR A 343 16.41 -8.63 -24.34
CA TYR A 343 15.17 -8.34 -23.60
C TYR A 343 14.72 -6.88 -23.75
N ASP A 344 13.42 -6.66 -23.86
CA ASP A 344 12.93 -5.30 -23.88
C ASP A 344 12.71 -4.80 -22.44
N TRP A 345 13.64 -3.96 -21.97
CA TRP A 345 13.55 -3.41 -20.63
C TRP A 345 12.73 -2.13 -20.57
N ASN A 346 12.27 -1.64 -21.73
CA ASN A 346 11.53 -0.37 -21.80
C ASN A 346 10.11 -0.47 -21.18
N VAL A 347 9.60 -1.68 -21.06
CA VAL A 347 8.22 -1.91 -20.67
C VAL A 347 8.02 -1.87 -19.15
N TYR A 348 9.12 -1.71 -18.41
CA TYR A 348 9.02 -1.70 -16.96
C TYR A 348 9.15 -0.29 -16.42
N LYS A 349 9.29 0.67 -17.31
CA LYS A 349 9.38 2.08 -16.91
C LYS A 349 7.99 2.70 -16.71
N LYS A 350 7.01 2.26 -17.51
CA LYS A 350 5.59 2.59 -17.29
C LYS A 350 5.24 2.50 -15.81
N GLN A 351 5.73 1.45 -15.16
CA GLN A 351 5.46 1.15 -13.75
C GLN A 351 5.63 2.32 -12.77
N ARG A 352 4.94 2.25 -11.63
CA ARG A 352 4.93 3.34 -10.68
C ARG A 352 4.69 2.86 -9.28
N GLY A 353 5.29 3.56 -8.33
CA GLY A 353 5.17 3.21 -6.91
C GLY A 353 6.56 3.03 -6.32
N LEU A 354 6.61 2.34 -5.18
CA LEU A 354 7.86 2.10 -4.47
C LEU A 354 8.68 0.99 -5.14
N PHE A 355 8.01 0.13 -5.90
CA PHE A 355 8.68 -1.02 -6.53
C PHE A 355 8.65 -1.03 -8.05
N SER A 356 9.43 -1.94 -8.63
CA SER A 356 9.16 -2.42 -9.98
C SER A 356 8.87 -3.91 -9.88
N PHE A 357 8.18 -4.45 -10.88
CA PHE A 357 7.77 -5.85 -10.87
C PHE A 357 8.24 -6.50 -12.16
N VAL A 358 9.23 -7.39 -12.06
CA VAL A 358 9.81 -8.04 -13.22
C VAL A 358 9.66 -9.57 -13.10
N PRO A 359 8.51 -10.13 -13.52
CA PRO A 359 8.32 -11.57 -13.32
C PRO A 359 9.52 -12.41 -13.74
N LEU A 360 10.12 -12.04 -14.87
CA LEU A 360 11.32 -12.69 -15.38
C LEU A 360 12.38 -13.03 -14.31
N LEU A 361 12.48 -12.17 -13.31
CA LEU A 361 13.50 -12.32 -12.26
C LEU A 361 13.20 -13.39 -11.22
N ALA A 362 11.92 -13.78 -11.13
CA ALA A 362 11.55 -14.90 -10.26
C ALA A 362 12.48 -16.09 -10.51
N LYS A 363 12.77 -16.36 -11.78
CA LYS A 363 13.73 -17.40 -12.20
C LYS A 363 15.14 -17.26 -11.59
N ILE A 364 15.60 -16.02 -11.41
CA ILE A 364 17.00 -15.73 -11.05
C ILE A 364 17.21 -15.32 -9.56
N ALA A 365 16.12 -15.37 -8.80
CA ALA A 365 16.08 -14.84 -7.44
C ALA A 365 17.08 -15.48 -6.47
N GLU A 366 17.23 -16.80 -6.55
CA GLU A 366 18.08 -17.52 -5.61
C GLU A 366 19.52 -17.59 -6.10
N HIS A 367 19.74 -17.19 -7.35
CA HIS A 367 21.09 -17.08 -7.87
C HIS A 367 21.63 -15.68 -7.65
N LEU A 368 20.74 -14.72 -7.47
CA LEU A 368 21.12 -13.35 -7.24
C LEU A 368 21.59 -13.17 -5.82
N LYS A 369 21.57 -14.25 -5.05
CA LYS A 369 21.99 -14.23 -3.65
C LYS A 369 23.43 -14.69 -3.47
N THR A 370 23.96 -15.47 -4.43
CA THR A 370 25.38 -15.85 -4.45
C THR A 370 26.23 -14.59 -4.57
N HIS A 371 25.71 -13.62 -5.31
CA HIS A 371 26.14 -12.24 -5.23
C HIS A 371 25.26 -11.64 -4.14
N HIS A 372 25.63 -10.51 -3.56
CA HIS A 372 25.02 -10.19 -2.29
C HIS A 372 23.84 -9.22 -2.42
N ILE A 373 22.94 -9.58 -3.34
CA ILE A 373 21.73 -8.79 -3.62
C ILE A 373 20.42 -9.56 -3.37
N TYR A 374 19.53 -8.96 -2.58
CA TYR A 374 18.28 -9.63 -2.19
C TYR A 374 16.99 -8.98 -2.74
N ILE A 375 16.08 -9.84 -3.15
CA ILE A 375 14.96 -9.51 -4.04
C ILE A 375 13.84 -10.51 -3.70
N ILE A 376 12.58 -10.11 -3.84
CA ILE A 376 11.49 -11.04 -3.51
C ILE A 376 11.35 -12.19 -4.55
N ASN A 377 10.91 -13.35 -4.06
CA ASN A 377 10.71 -14.58 -4.85
C ASN A 377 9.94 -14.42 -6.15
N ASN A 378 9.11 -13.40 -6.25
CA ASN A 378 8.20 -13.25 -7.40
C ASN A 378 8.63 -12.25 -8.50
N GLY A 379 9.72 -11.52 -8.27
CA GLY A 379 10.17 -10.48 -9.17
C GLY A 379 10.13 -9.06 -8.63
N ARG A 380 9.37 -8.80 -7.55
CA ARG A 380 9.21 -7.43 -6.99
C ARG A 380 10.54 -6.78 -6.56
N ILE A 381 10.66 -5.48 -6.75
CA ILE A 381 11.95 -4.82 -6.56
C ILE A 381 11.85 -3.47 -5.91
N ASN A 382 12.47 -3.34 -4.74
CA ASN A 382 12.55 -2.07 -4.07
C ASN A 382 13.49 -1.14 -4.83
N VAL A 383 12.90 -0.22 -5.60
CA VAL A 383 13.66 0.68 -6.45
C VAL A 383 14.41 1.70 -5.61
N SER A 384 13.80 2.16 -4.54
CA SER A 384 14.36 3.22 -3.70
C SER A 384 15.74 2.89 -3.12
N GLY A 385 16.19 1.65 -3.32
CA GLY A 385 17.47 1.19 -2.78
C GLY A 385 18.53 0.97 -3.84
N ILE A 386 18.46 1.74 -4.93
CA ILE A 386 19.46 1.64 -6.00
C ILE A 386 20.18 2.98 -6.12
N THR A 387 21.36 3.08 -5.51
CA THR A 387 22.12 4.31 -5.54
C THR A 387 22.87 4.42 -6.86
N LYS A 388 23.27 5.65 -7.18
CA LYS A 388 24.19 5.96 -8.26
C LYS A 388 25.43 5.06 -8.23
N ASN A 389 25.84 4.65 -7.03
CA ASN A 389 26.94 3.71 -6.87
C ASN A 389 26.51 2.32 -7.30
N ASN A 390 25.26 2.00 -7.00
CA ASN A 390 24.74 0.64 -7.06
C ASN A 390 24.43 0.10 -8.45
N VAL A 391 23.86 0.94 -9.29
CA VAL A 391 23.41 0.54 -10.62
C VAL A 391 24.31 -0.47 -11.34
N ASP A 392 25.59 -0.12 -11.54
CA ASP A 392 26.51 -1.01 -12.23
C ASP A 392 26.44 -2.40 -11.63
N TYR A 393 26.90 -2.53 -10.39
CA TYR A 393 26.99 -3.84 -9.78
C TYR A 393 25.69 -4.64 -9.98
N ILE A 394 24.58 -4.04 -9.59
CA ILE A 394 23.27 -4.67 -9.68
C ILE A 394 22.97 -5.13 -11.11
N ALA A 395 23.00 -4.18 -12.04
CA ALA A 395 22.57 -4.38 -13.41
C ALA A 395 23.45 -5.43 -14.07
N ASP A 396 24.75 -5.32 -13.84
CA ASP A 396 25.71 -6.33 -14.25
C ASP A 396 25.27 -7.71 -13.76
N LYS A 397 25.23 -7.90 -12.44
CA LYS A 397 24.92 -9.20 -11.87
C LYS A 397 23.61 -9.83 -12.36
N ILE A 398 22.61 -8.99 -12.66
CA ILE A 398 21.33 -9.40 -13.20
C ILE A 398 21.49 -10.03 -14.57
N CYS A 399 22.30 -9.37 -15.40
CA CYS A 399 22.59 -9.85 -16.74
C CYS A 399 23.47 -11.09 -16.63
N LEU A 400 24.61 -10.97 -15.95
CA LEU A 400 25.51 -12.09 -15.69
C LEU A 400 24.70 -13.29 -15.28
N SER A 401 23.87 -13.04 -14.29
CA SER A 401 23.05 -14.08 -13.73
C SER A 401 22.02 -14.59 -14.71
N LEU A 402 21.46 -13.69 -15.51
CA LEU A 402 20.47 -14.07 -16.48
C LEU A 402 21.02 -14.97 -17.56
N SER A 403 22.28 -14.74 -17.92
CA SER A 403 22.90 -15.46 -19.03
C SER A 403 23.21 -16.91 -18.70
N GLN A 404 23.33 -17.26 -17.42
CA GLN A 404 23.53 -18.66 -17.04
C GLN A 404 22.25 -19.47 -17.22
N ILE A 405 21.66 -19.44 -18.42
CA ILE A 405 20.53 -20.33 -18.75
C ILE A 405 20.39 -20.53 -20.27
N1 PLP B . -1.68 -2.37 1.85
C2 PLP B . -0.63 -2.39 0.97
C2A PLP B . -0.93 -2.57 -0.48
C3 PLP B . 0.67 -2.25 1.43
O3 PLP B . 1.72 -2.25 0.56
C4 PLP B . 0.90 -2.08 2.80
C4A PLP B . 2.30 -1.78 3.23
O4A PLP B . 2.65 -0.61 3.36
C5 PLP B . -0.17 -2.05 3.71
C6 PLP B . -1.47 -2.20 3.21
C5A PLP B . -0.03 -1.89 5.22
O4P PLP B . 0.78 -0.82 5.68
P PLP B . 1.14 -0.67 7.26
O1P PLP B . 1.38 0.77 7.62
O2P PLP B . 2.44 -1.37 7.53
O3P PLP B . -0.02 -1.22 8.05
C ACT C . 14.15 5.83 -21.67
O ACT C . 14.68 5.60 -22.79
OXT ACT C . 14.82 5.50 -20.66
CH3 ACT C . 12.79 6.45 -21.54
#